data_3QVF
#
_entry.id   3QVF
#
_cell.length_a   87.380
_cell.length_b   87.380
_cell.length_c   79.000
_cell.angle_alpha   90.00
_cell.angle_beta   90.00
_cell.angle_gamma   120.00
#
_symmetry.space_group_name_H-M   'P 32 2 1'
#
loop_
_entity.id
_entity.type
_entity.pdbx_description
1 polymer 'FomA protein'
2 non-polymer "ADENOSINE-5'-DIPHOSPHATE"
3 non-polymer dihydroxy{[(2R,3S)-3-methyloxiran-2-yl]phosphonato-kappaO}oxovanadium
4 non-polymer 'MAGNESIUM ION'
5 water water
#
_entity_poly.entity_id   1
_entity_poly.type   'polypeptide(L)'
_entity_poly.pdbx_seq_one_letter_code
;MGSSHHHHHHSSGLVPRGSHMTPDFLAIKVGGSLFSRKDEPGSLDDDAVTRFARNFARLAETYRGRMVLISGGGAFGHGA
IRDHDSTHAFSLAGLTEATFEVKKRWAEKLRGIGVDAFPLQLAAMCTLRNGIPQLRSEVLRDVLDHGALPVLAGDALFDE
HGKLWAFSSDRVPEVLLPMVEGRLRVVTLTDVDGIVTDGAGGDTILPEVDARSPEQAYAALWGSSEWDATGAMHTKLDAL
VTCARRGAECFIMRGDPGSDLEFLTAPFSSWPAHVRSTRITTTASA
;
_entity_poly.pdbx_strand_id   A
#
# COMPACT_ATOMS: atom_id res chain seq x y z
N HIS A 9 -4.98 4.61 -32.26
CA HIS A 9 -5.90 4.84 -31.07
C HIS A 9 -6.98 3.75 -30.85
N HIS A 10 -6.91 3.12 -29.67
CA HIS A 10 -7.94 2.23 -29.16
C HIS A 10 -8.85 3.13 -28.30
N SER A 11 -10.17 3.03 -28.49
CA SER A 11 -11.12 3.79 -27.62
C SER A 11 -11.12 3.20 -26.19
N SER A 12 -11.43 4.07 -25.22
CA SER A 12 -11.63 3.66 -23.81
C SER A 12 -12.65 4.63 -23.15
N GLY A 13 -13.12 4.33 -21.94
CA GLY A 13 -14.06 5.24 -21.25
C GLY A 13 -13.39 6.53 -20.82
N LEU A 14 -13.94 7.70 -21.17
CA LEU A 14 -13.44 8.96 -20.67
C LEU A 14 -13.76 9.13 -19.15
N VAL A 15 -12.72 9.17 -18.31
CA VAL A 15 -12.87 9.29 -16.84
C VAL A 15 -12.56 10.75 -16.44
N PRO A 16 -13.56 11.46 -15.87
CA PRO A 16 -13.33 12.77 -15.38
C PRO A 16 -12.35 12.69 -14.26
N ARG A 17 -11.35 13.57 -14.26
CA ARG A 17 -10.30 13.52 -13.21
C ARG A 17 -9.89 14.90 -12.81
N GLY A 18 -9.43 15.04 -11.57
CA GLY A 18 -8.95 16.34 -11.08
C GLY A 18 -9.03 16.48 -9.57
N SER A 19 -8.43 17.56 -9.07
CA SER A 19 -8.39 17.85 -7.64
C SER A 19 -9.76 18.13 -7.08
N HIS A 20 -10.70 18.36 -7.97
CA HIS A 20 -12.08 18.65 -7.60
C HIS A 20 -12.93 17.36 -7.46
N MET A 21 -12.38 16.20 -7.82
CA MET A 21 -13.21 15.01 -8.01
C MET A 21 -13.01 14.10 -6.78
N THR A 22 -14.07 13.40 -6.39
CA THR A 22 -13.94 12.39 -5.32
C THR A 22 -13.48 11.01 -5.81
N PRO A 23 -12.59 10.34 -5.06
CA PRO A 23 -12.15 9.01 -5.52
C PRO A 23 -13.27 7.97 -5.56
N ASP A 24 -13.23 7.07 -6.52
CA ASP A 24 -14.12 5.95 -6.56
C ASP A 24 -13.64 4.75 -5.75
N PHE A 25 -12.36 4.73 -5.42
CA PHE A 25 -11.71 3.56 -4.80
C PHE A 25 -10.52 4.04 -3.97
N LEU A 26 -10.37 3.45 -2.77
CA LEU A 26 -9.25 3.77 -1.88
C LEU A 26 -8.45 2.55 -1.62
N ALA A 27 -7.14 2.61 -1.89
CA ALA A 27 -6.15 1.61 -1.50
C ALA A 27 -5.31 2.34 -0.48
N ILE A 28 -5.43 1.91 0.77
CA ILE A 28 -4.70 2.51 1.90
C ILE A 28 -3.65 1.50 2.33
N LYS A 29 -2.39 1.93 2.29
CA LYS A 29 -1.30 1.10 2.77
C LYS A 29 -0.75 1.69 4.04
N VAL A 30 -0.61 0.84 5.06
CA VAL A 30 -0.08 1.22 6.35
C VAL A 30 1.34 0.60 6.57
N GLY A 31 2.36 1.44 6.59
CA GLY A 31 3.74 0.99 6.74
C GLY A 31 3.99 0.26 8.07
N GLY A 32 4.85 -0.75 8.02
CA GLY A 32 5.22 -1.49 9.23
C GLY A 32 5.81 -0.61 10.31
N SER A 33 6.53 0.46 9.89
CA SER A 33 7.14 1.49 10.79
C SER A 33 6.14 2.01 11.84
N LEU A 34 4.84 1.92 11.51
CA LEU A 34 3.80 2.58 12.22
C LEU A 34 3.18 1.69 13.29
N PHE A 35 3.48 0.40 13.26
CA PHE A 35 2.86 -0.51 14.23
C PHE A 35 3.79 -1.69 14.63
N SER A 36 5.06 -1.64 14.23
CA SER A 36 6.02 -2.74 14.45
C SER A 36 7.40 -2.15 14.53
N ARG A 37 8.24 -2.68 15.42
CA ARG A 37 9.71 -2.43 15.40
C ARG A 37 10.38 -3.60 14.66
N LYS A 38 10.95 -3.30 13.49
CA LYS A 38 11.50 -4.30 12.54
C LYS A 38 12.59 -5.14 13.21
N ASP A 39 13.54 -4.45 13.84
CA ASP A 39 14.49 -5.06 14.78
C ASP A 39 13.91 -6.11 15.81
N GLU A 40 12.66 -5.97 16.29
CA GLU A 40 12.11 -6.84 17.38
C GLU A 40 11.12 -7.91 16.91
N PRO A 41 11.56 -9.19 16.87
CA PRO A 41 10.66 -10.21 16.31
C PRO A 41 9.27 -10.23 16.95
N GLY A 42 8.25 -10.38 16.11
CA GLY A 42 6.86 -10.47 16.60
C GLY A 42 6.29 -9.15 17.15
N SER A 43 7.08 -8.07 17.07
CA SER A 43 6.61 -6.73 17.45
C SER A 43 5.36 -6.50 16.65
N LEU A 44 4.27 -6.39 17.37
CA LEU A 44 3.14 -5.68 16.83
C LEU A 44 2.62 -4.87 17.98
N ASP A 45 2.54 -3.58 17.75
CA ASP A 45 2.02 -2.62 18.69
C ASP A 45 0.49 -2.67 18.63
N ASP A 46 -0.12 -3.39 19.57
CA ASP A 46 -1.57 -3.59 19.54
C ASP A 46 -2.36 -2.28 19.72
N ASP A 47 -1.75 -1.31 20.43
CA ASP A 47 -2.41 -0.04 20.63
C ASP A 47 -2.44 0.70 19.31
N ALA A 48 -1.35 0.61 18.54
CA ALA A 48 -1.31 1.29 17.25
C ALA A 48 -2.36 0.69 16.30
N VAL A 49 -2.36 -0.65 16.25
CA VAL A 49 -3.29 -1.43 15.43
C VAL A 49 -4.70 -1.10 15.83
N THR A 50 -4.97 -1.07 17.14
CA THR A 50 -6.34 -0.74 17.58
C THR A 50 -6.82 0.65 17.10
N ARG A 51 -5.99 1.64 17.36
CA ARG A 51 -6.31 3.01 17.04
C ARG A 51 -6.45 3.24 15.53
N PHE A 52 -5.53 2.66 14.75
CA PHE A 52 -5.61 2.81 13.30
C PHE A 52 -6.87 2.14 12.80
N ALA A 53 -7.13 0.94 13.33
CA ALA A 53 -8.31 0.18 12.94
C ALA A 53 -9.55 1.03 13.05
N ARG A 54 -9.68 1.81 14.11
CA ARG A 54 -10.88 2.62 14.31
C ARG A 54 -11.06 3.64 13.19
N ASN A 55 -9.94 4.23 12.80
CA ASN A 55 -9.93 5.18 11.68
C ASN A 55 -10.13 4.53 10.34
N PHE A 56 -9.55 3.36 10.14
CA PHE A 56 -9.79 2.61 8.89
C PHE A 56 -11.24 2.15 8.78
N ALA A 57 -11.89 1.80 9.89
CA ALA A 57 -13.29 1.37 9.92
C ALA A 57 -14.24 2.38 9.35
N ARG A 58 -14.01 3.66 9.67
CA ARG A 58 -14.88 4.76 9.15
C ARG A 58 -14.75 4.92 7.65
N LEU A 59 -13.53 4.81 7.14
CA LEU A 59 -13.28 4.78 5.73
C LEU A 59 -13.94 3.61 5.07
N ALA A 60 -13.84 2.45 5.68
CA ALA A 60 -14.41 1.26 5.09
C ALA A 60 -15.93 1.28 5.02
N GLU A 61 -16.59 1.97 5.92
CA GLU A 61 -18.05 2.12 5.83
C GLU A 61 -18.47 2.95 4.61
N THR A 62 -17.80 4.06 4.41
CA THR A 62 -18.04 4.96 3.26
C THR A 62 -17.64 4.31 1.95
N TYR A 63 -16.44 3.73 1.91
N TYR A 63 -16.43 3.75 1.91
CA TYR A 63 -15.96 3.00 0.74
CA TYR A 63 -16.00 2.96 0.78
C TYR A 63 -16.32 1.50 0.71
C TYR A 63 -16.25 1.46 0.96
N ARG A 64 -17.50 1.12 1.18
CA ARG A 64 -17.85 -0.25 1.26
C ARG A 64 -17.80 -0.90 -0.08
N GLY A 65 -16.98 -1.95 -0.21
CA GLY A 65 -16.77 -2.60 -1.49
C GLY A 65 -15.89 -1.82 -2.49
N ARG A 66 -15.30 -0.72 -2.00
CA ARG A 66 -14.55 0.22 -2.80
C ARG A 66 -13.25 0.59 -2.13
N MET A 67 -12.70 -0.29 -1.29
CA MET A 67 -11.47 -0.03 -0.54
C MET A 67 -10.72 -1.33 -0.28
N VAL A 68 -9.39 -1.26 -0.30
CA VAL A 68 -8.55 -2.35 0.27
C VAL A 68 -7.64 -1.71 1.33
N LEU A 69 -7.33 -2.49 2.35
CA LEU A 69 -6.35 -2.10 3.34
C LEU A 69 -5.15 -2.99 3.10
N ILE A 70 -3.95 -2.38 3.00
CA ILE A 70 -2.75 -3.11 2.73
C ILE A 70 -1.77 -2.87 3.87
N SER A 71 -1.33 -3.95 4.48
CA SER A 71 -0.42 -3.88 5.62
C SER A 71 1.02 -4.13 5.19
N GLY A 72 1.89 -3.31 5.74
CA GLY A 72 3.25 -3.64 5.71
C GLY A 72 3.59 -4.85 6.54
N GLY A 73 4.80 -5.38 6.34
CA GLY A 73 5.15 -6.66 6.90
C GLY A 73 5.73 -6.59 8.29
N GLY A 74 6.15 -5.41 8.67
CA GLY A 74 6.96 -5.14 9.86
C GLY A 74 8.05 -6.15 10.17
N ALA A 75 8.16 -6.47 11.47
CA ALA A 75 9.11 -7.43 11.95
C ALA A 75 8.83 -8.78 11.33
N PHE A 76 7.56 -9.11 11.12
CA PHE A 76 7.21 -10.43 10.55
C PHE A 76 7.81 -10.59 9.15
N GLY A 77 7.52 -9.65 8.26
CA GLY A 77 7.95 -9.70 6.87
C GLY A 77 9.40 -9.46 6.62
N HIS A 78 9.97 -8.43 7.22
CA HIS A 78 11.36 -8.18 6.97
C HIS A 78 12.22 -9.31 7.54
N GLY A 79 11.81 -9.85 8.69
CA GLY A 79 12.40 -11.02 9.29
C GLY A 79 12.45 -12.29 8.44
N ALA A 80 11.32 -12.61 7.81
CA ALA A 80 11.26 -13.69 6.84
C ALA A 80 12.24 -13.56 5.70
N ILE A 81 12.49 -12.34 5.23
CA ILE A 81 13.37 -12.10 4.10
C ILE A 81 14.83 -12.13 4.62
N ARG A 82 15.10 -11.39 5.71
CA ARG A 82 16.40 -11.44 6.45
C ARG A 82 16.86 -12.88 6.69
N ASP A 83 15.94 -13.71 7.15
CA ASP A 83 16.28 -15.03 7.63
C ASP A 83 16.21 -16.15 6.57
N HIS A 84 15.86 -15.84 5.31
CA HIS A 84 15.81 -16.89 4.29
C HIS A 84 17.20 -17.18 3.74
N ASP A 85 17.35 -18.37 3.12
CA ASP A 85 18.59 -18.79 2.48
C ASP A 85 18.57 -18.39 1.00
N SER A 86 19.34 -17.39 0.64
CA SER A 86 19.32 -16.86 -0.72
C SER A 86 19.79 -17.85 -1.78
N THR A 87 20.42 -18.96 -1.36
CA THR A 87 20.88 -19.98 -2.30
C THR A 87 19.76 -20.94 -2.77
N HIS A 88 18.64 -21.00 -2.00
CA HIS A 88 17.36 -21.59 -2.46
C HIS A 88 16.24 -20.59 -2.31
N ALA A 89 15.85 -19.99 -3.44
CA ALA A 89 14.80 -18.97 -3.43
C ALA A 89 13.54 -19.53 -2.79
N PHE A 90 13.34 -20.84 -2.80
CA PHE A 90 12.07 -21.37 -2.20
C PHE A 90 11.96 -21.14 -0.68
N SER A 91 13.06 -20.96 0.01
CA SER A 91 13.02 -20.64 1.45
C SER A 91 12.28 -19.30 1.71
N LEU A 92 12.14 -18.46 0.68
CA LEU A 92 11.27 -17.30 0.80
C LEU A 92 9.83 -17.67 1.06
N ALA A 93 9.43 -18.95 0.88
CA ALA A 93 8.07 -19.32 1.12
C ALA A 93 7.61 -18.87 2.50
N GLY A 94 8.51 -18.81 3.47
CA GLY A 94 8.14 -18.41 4.80
C GLY A 94 7.56 -17.05 4.88
N LEU A 95 7.92 -16.19 3.93
CA LEU A 95 7.32 -14.86 3.79
C LEU A 95 5.82 -14.86 3.66
N THR A 96 5.25 -15.79 2.91
CA THR A 96 3.79 -15.83 2.77
C THR A 96 3.11 -16.11 4.11
N GLU A 97 3.72 -16.94 4.93
CA GLU A 97 3.17 -17.26 6.27
C GLU A 97 3.32 -16.00 7.16
N ALA A 98 4.46 -15.36 7.08
CA ALA A 98 4.73 -14.15 7.89
C ALA A 98 3.75 -13.04 7.58
N THR A 99 3.50 -12.74 6.31
CA THR A 99 2.62 -11.64 6.00
C THR A 99 1.17 -12.06 6.16
N PHE A 100 0.87 -13.36 6.11
CA PHE A 100 -0.48 -13.75 6.52
C PHE A 100 -0.79 -13.41 7.95
N GLU A 101 0.16 -13.66 8.85
CA GLU A 101 0.01 -13.29 10.24
C GLU A 101 -0.35 -11.83 10.44
N VAL A 102 0.32 -10.93 9.73
CA VAL A 102 0.02 -9.55 9.87
C VAL A 102 -1.35 -9.20 9.34
N LYS A 103 -1.78 -9.80 8.24
CA LYS A 103 -3.13 -9.58 7.69
C LYS A 103 -4.18 -10.06 8.70
N LYS A 104 -3.93 -11.22 9.32
CA LYS A 104 -4.75 -11.76 10.36
C LYS A 104 -4.90 -10.76 11.47
N ARG A 105 -3.82 -10.15 11.92
CA ARG A 105 -3.95 -9.27 13.06
C ARG A 105 -4.84 -8.06 12.75
N TRP A 106 -4.67 -7.47 11.56
CA TRP A 106 -5.56 -6.41 11.13
C TRP A 106 -6.99 -6.82 10.98
N ALA A 107 -7.22 -7.95 10.34
CA ALA A 107 -8.57 -8.39 10.07
C ALA A 107 -9.34 -8.72 11.35
N GLU A 108 -8.68 -9.43 12.28
CA GLU A 108 -9.25 -9.68 13.59
C GLU A 108 -9.71 -8.43 14.29
N LYS A 109 -8.84 -7.44 14.32
CA LYS A 109 -9.12 -6.22 15.00
C LYS A 109 -10.29 -5.48 14.37
N LEU A 110 -10.27 -5.41 13.04
CA LEU A 110 -11.35 -4.76 12.30
C LEU A 110 -12.69 -5.45 12.50
N ARG A 111 -12.73 -6.76 12.41
CA ARG A 111 -13.95 -7.50 12.69
C ARG A 111 -14.46 -7.27 14.11
N GLY A 112 -13.57 -7.08 15.08
CA GLY A 112 -13.98 -6.83 16.44
C GLY A 112 -14.72 -5.52 16.63
N ILE A 113 -14.52 -4.58 15.71
CA ILE A 113 -15.24 -3.32 15.71
C ILE A 113 -16.28 -3.16 14.57
N GLY A 114 -16.67 -4.26 13.97
CA GLY A 114 -17.88 -4.32 13.11
C GLY A 114 -17.62 -4.25 11.61
N VAL A 115 -16.35 -4.24 11.20
CA VAL A 115 -15.96 -4.21 9.79
C VAL A 115 -15.86 -5.66 9.27
N ASP A 116 -16.37 -5.89 8.07
CA ASP A 116 -16.30 -7.19 7.43
C ASP A 116 -14.96 -7.32 6.72
N ALA A 117 -13.91 -7.43 7.51
CA ALA A 117 -12.54 -7.55 7.05
C ALA A 117 -12.11 -9.00 6.80
N PHE A 118 -11.63 -9.29 5.59
CA PHE A 118 -11.27 -10.65 5.18
C PHE A 118 -9.82 -10.64 4.63
N PRO A 119 -8.89 -11.39 5.26
CA PRO A 119 -7.49 -11.39 4.79
C PRO A 119 -7.42 -12.23 3.56
N LEU A 120 -6.70 -11.79 2.55
CA LEU A 120 -6.42 -12.56 1.39
C LEU A 120 -4.95 -12.65 1.11
N GLN A 121 -4.53 -13.87 0.88
CA GLN A 121 -3.15 -14.22 0.47
C GLN A 121 -2.80 -13.86 -0.97
N LEU A 122 -2.02 -12.81 -1.13
CA LEU A 122 -1.74 -12.36 -2.49
C LEU A 122 -1.08 -13.44 -3.32
N ALA A 123 -0.24 -14.26 -2.68
CA ALA A 123 0.45 -15.37 -3.39
C ALA A 123 -0.51 -16.41 -3.98
N ALA A 124 -1.72 -16.51 -3.46
CA ALA A 124 -2.77 -17.39 -3.98
C ALA A 124 -3.60 -16.79 -5.14
N MET A 125 -3.34 -15.53 -5.44
CA MET A 125 -4.09 -14.74 -6.37
C MET A 125 -3.30 -14.07 -7.47
N CYS A 126 -1.99 -13.99 -7.37
CA CYS A 126 -1.18 -13.16 -8.22
C CYS A 126 0.16 -13.88 -8.47
N THR A 127 0.67 -13.80 -9.69
CA THR A 127 1.98 -14.29 -10.04
C THR A 127 2.70 -13.18 -10.79
N LEU A 128 4.00 -13.33 -11.00
CA LEU A 128 4.79 -12.39 -11.81
C LEU A 128 4.98 -12.94 -13.22
N ARG A 129 4.84 -12.09 -14.21
CA ARG A 129 5.16 -12.43 -15.59
C ARG A 129 5.92 -11.27 -16.23
N ASN A 130 7.12 -11.60 -16.71
CA ASN A 130 8.09 -10.60 -17.15
C ASN A 130 8.22 -9.46 -16.14
N GLY A 131 8.24 -9.75 -14.82
CA GLY A 131 8.29 -8.76 -13.73
C GLY A 131 7.04 -7.95 -13.32
N ILE A 132 5.93 -8.16 -14.02
CA ILE A 132 4.71 -7.41 -13.81
C ILE A 132 3.75 -8.34 -13.06
N PRO A 133 3.19 -7.87 -11.93
CA PRO A 133 2.31 -8.72 -11.17
C PRO A 133 1.01 -8.89 -11.97
N GLN A 134 0.45 -10.08 -11.90
CA GLN A 134 -0.74 -10.41 -12.66
C GLN A 134 -1.75 -10.95 -11.70
N LEU A 135 -2.90 -10.30 -11.62
CA LEU A 135 -4.01 -10.80 -10.84
C LEU A 135 -4.57 -12.00 -11.59
N ARG A 136 -4.58 -13.16 -10.94
CA ARG A 136 -4.95 -14.43 -11.53
C ARG A 136 -6.14 -15.11 -10.84
N SER A 137 -6.74 -14.45 -9.84
CA SER A 137 -7.90 -14.93 -9.09
C SER A 137 -8.99 -13.88 -9.17
N GLU A 138 -10.20 -14.36 -9.46
CA GLU A 138 -11.40 -13.53 -9.47
C GLU A 138 -11.94 -13.24 -8.08
N VAL A 139 -11.37 -13.86 -7.05
CA VAL A 139 -11.93 -13.78 -5.70
C VAL A 139 -11.82 -12.35 -5.17
N LEU A 140 -10.75 -11.59 -5.50
CA LEU A 140 -10.62 -10.20 -4.93
C LEU A 140 -11.77 -9.31 -5.38
N ARG A 141 -12.12 -9.38 -6.65
CA ARG A 141 -13.22 -8.63 -7.18
C ARG A 141 -14.52 -9.07 -6.53
N ASP A 142 -14.75 -10.38 -6.41
CA ASP A 142 -15.99 -10.86 -5.74
C ASP A 142 -16.14 -10.36 -4.31
N VAL A 143 -15.07 -10.46 -3.52
CA VAL A 143 -15.03 -9.98 -2.11
C VAL A 143 -15.42 -8.54 -2.05
N LEU A 144 -14.89 -7.72 -2.95
CA LEU A 144 -15.24 -6.31 -2.97
C LEU A 144 -16.69 -6.13 -3.36
N ASP A 145 -17.14 -6.87 -4.37
CA ASP A 145 -18.55 -6.80 -4.75
C ASP A 145 -19.53 -7.26 -3.66
N HIS A 146 -19.11 -8.14 -2.77
CA HIS A 146 -19.92 -8.51 -1.61
C HIS A 146 -19.92 -7.42 -0.53
N GLY A 147 -19.10 -6.37 -0.67
CA GLY A 147 -19.10 -5.26 0.26
C GLY A 147 -18.10 -5.45 1.41
N ALA A 148 -17.23 -6.44 1.28
CA ALA A 148 -16.26 -6.74 2.32
C ALA A 148 -15.03 -5.91 2.15
N LEU A 149 -14.17 -5.93 3.17
CA LEU A 149 -12.91 -5.21 3.14
C LEU A 149 -11.79 -6.19 3.00
N PRO A 150 -11.19 -6.34 1.82
CA PRO A 150 -9.96 -7.17 1.69
C PRO A 150 -8.85 -6.62 2.50
N VAL A 151 -8.19 -7.45 3.29
CA VAL A 151 -6.97 -7.03 3.95
C VAL A 151 -5.83 -7.74 3.21
N LEU A 152 -4.95 -6.95 2.63
CA LEU A 152 -3.85 -7.44 1.85
C LEU A 152 -2.51 -7.11 2.47
N ALA A 153 -1.43 -7.61 1.87
CA ALA A 153 -0.10 -7.34 2.25
C ALA A 153 0.85 -7.78 1.14
N GLY A 154 2.11 -7.48 1.32
CA GLY A 154 3.09 -8.03 0.44
C GLY A 154 3.22 -9.53 0.64
N ASP A 155 4.07 -10.14 -0.16
CA ASP A 155 4.11 -11.61 -0.25
C ASP A 155 5.31 -12.12 -0.99
N ALA A 156 5.46 -13.45 -0.94
CA ALA A 156 6.36 -14.15 -1.87
C ALA A 156 5.53 -14.61 -3.04
N LEU A 157 5.85 -14.13 -4.24
CA LEU A 157 5.15 -14.48 -5.43
C LEU A 157 5.98 -15.35 -6.34
N PHE A 158 5.34 -16.33 -6.95
CA PHE A 158 5.96 -17.10 -8.04
C PHE A 158 6.03 -16.33 -9.31
N ASP A 159 7.16 -16.45 -10.01
CA ASP A 159 7.22 -15.99 -11.41
C ASP A 159 6.93 -17.11 -12.39
N GLU A 160 7.11 -16.82 -13.68
CA GLU A 160 6.69 -17.77 -14.68
C GLU A 160 7.66 -18.94 -14.80
N HIS A 161 8.84 -18.80 -14.23
CA HIS A 161 9.81 -19.86 -14.12
C HIS A 161 9.80 -20.63 -12.79
N GLY A 162 8.89 -20.30 -11.89
CA GLY A 162 8.76 -20.95 -10.60
C GLY A 162 9.68 -20.41 -9.51
N LYS A 163 10.35 -19.29 -9.75
CA LYS A 163 11.19 -18.60 -8.77
C LYS A 163 10.32 -17.73 -7.87
N LEU A 164 10.51 -17.84 -6.55
CA LEU A 164 9.86 -16.90 -5.63
C LEU A 164 10.63 -15.56 -5.54
N TRP A 165 9.86 -14.48 -5.49
CA TRP A 165 10.31 -13.13 -5.26
C TRP A 165 9.53 -12.46 -4.13
N ALA A 166 10.26 -11.70 -3.30
CA ALA A 166 9.67 -10.85 -2.30
C ALA A 166 9.04 -9.63 -2.98
N PHE A 167 7.75 -9.44 -2.76
CA PHE A 167 6.94 -8.43 -3.45
C PHE A 167 6.40 -7.56 -2.35
N SER A 168 6.92 -6.34 -2.25
CA SER A 168 6.50 -5.43 -1.16
C SER A 168 5.03 -5.05 -1.14
N SER A 169 4.47 -4.87 0.08
CA SER A 169 3.15 -4.26 0.24
C SER A 169 3.05 -2.95 -0.55
N ASP A 170 4.16 -2.26 -0.71
CA ASP A 170 4.16 -0.97 -1.41
C ASP A 170 3.72 -1.11 -2.84
N ARG A 171 3.93 -2.30 -3.42
CA ARG A 171 3.61 -2.57 -4.83
C ARG A 171 2.21 -3.18 -5.03
N VAL A 172 1.55 -3.57 -3.94
CA VAL A 172 0.25 -4.18 -4.01
C VAL A 172 -0.74 -3.30 -4.80
N PRO A 173 -0.74 -1.96 -4.63
CA PRO A 173 -1.67 -1.14 -5.44
C PRO A 173 -1.57 -1.39 -6.94
N GLU A 174 -0.40 -1.78 -7.44
CA GLU A 174 -0.19 -2.08 -8.85
C GLU A 174 -1.13 -3.18 -9.30
N VAL A 175 -1.41 -4.14 -8.44
CA VAL A 175 -2.28 -5.26 -8.85
C VAL A 175 -3.73 -4.83 -9.09
N LEU A 176 -4.13 -3.75 -8.43
CA LEU A 176 -5.48 -3.23 -8.58
C LEU A 176 -5.72 -2.52 -9.90
N LEU A 177 -4.66 -2.10 -10.60
CA LEU A 177 -4.84 -1.14 -11.70
C LEU A 177 -5.77 -1.61 -12.83
N PRO A 178 -5.63 -2.84 -13.30
CA PRO A 178 -6.56 -3.21 -14.36
C PRO A 178 -7.99 -3.57 -13.86
N MET A 179 -8.16 -3.70 -12.54
CA MET A 179 -9.41 -4.16 -11.92
C MET A 179 -10.33 -3.01 -11.54
N VAL A 180 -9.72 -1.90 -11.15
CA VAL A 180 -10.45 -0.80 -10.56
C VAL A 180 -10.95 0.12 -11.65
N GLU A 181 -12.27 0.27 -11.60
CA GLU A 181 -13.07 1.15 -12.43
CA GLU A 181 -12.93 1.21 -12.52
C GLU A 181 -13.09 2.55 -11.82
N GLY A 182 -12.81 3.56 -12.61
CA GLY A 182 -13.01 4.94 -12.22
C GLY A 182 -11.73 5.44 -11.56
N ARG A 183 -11.87 6.31 -10.59
CA ARG A 183 -10.76 7.04 -10.02
C ARG A 183 -10.22 6.28 -8.80
N LEU A 184 -9.00 5.75 -8.94
CA LEU A 184 -8.29 5.12 -7.82
C LEU A 184 -7.44 6.10 -7.09
N ARG A 185 -7.56 6.13 -5.79
CA ARG A 185 -6.68 6.92 -4.94
C ARG A 185 -5.89 5.94 -4.11
N VAL A 186 -4.57 6.14 -4.14
CA VAL A 186 -3.66 5.27 -3.36
C VAL A 186 -2.96 6.12 -2.31
N VAL A 187 -3.03 5.69 -1.04
CA VAL A 187 -2.47 6.44 0.05
C VAL A 187 -1.51 5.52 0.80
N THR A 188 -0.23 5.87 0.77
CA THR A 188 0.80 5.16 1.53
C THR A 188 1.18 5.95 2.79
N LEU A 189 0.77 5.42 3.93
CA LEU A 189 1.06 6.00 5.21
C LEU A 189 2.42 5.49 5.69
N THR A 190 3.30 6.42 6.03
CA THR A 190 4.62 6.11 6.43
C THR A 190 5.06 7.00 7.59
N ASP A 191 6.33 6.95 7.91
CA ASP A 191 6.85 7.63 9.09
C ASP A 191 7.57 8.91 8.73
N VAL A 192 7.24 9.43 7.54
CA VAL A 192 7.74 10.69 7.05
C VAL A 192 6.57 11.39 6.38
N ASP A 193 6.65 12.71 6.26
CA ASP A 193 5.53 13.51 5.72
C ASP A 193 5.42 13.48 4.20
N GLY A 194 6.40 12.86 3.53
CA GLY A 194 6.40 12.75 2.09
C GLY A 194 7.84 12.59 1.65
N ILE A 195 8.12 12.96 0.40
CA ILE A 195 9.48 12.92 -0.15
C ILE A 195 10.20 14.20 0.28
N VAL A 196 11.25 14.06 1.09
CA VAL A 196 11.95 15.24 1.58
C VAL A 196 13.11 15.52 0.65
N THR A 197 13.20 16.78 0.30
CA THR A 197 14.18 17.27 -0.63
C THR A 197 15.12 18.31 0.00
N ASP A 198 16.39 18.12 -0.31
CA ASP A 198 17.53 18.81 0.33
C ASP A 198 17.78 18.31 1.80
N GLY A 199 17.88 16.96 1.96
CA GLY A 199 18.54 16.40 3.16
C GLY A 199 18.15 15.00 3.64
N ALA A 200 19.17 14.12 3.80
CA ALA A 200 19.04 12.69 4.30
C ALA A 200 18.51 12.53 5.75
N GLY A 201 18.00 13.65 6.29
CA GLY A 201 16.99 13.71 7.38
C GLY A 201 15.81 14.65 7.03
N GLY A 202 16.12 15.89 6.56
CA GLY A 202 15.08 16.87 6.11
C GLY A 202 15.58 18.12 5.34
N ASP A 203 14.65 18.76 4.62
CA ASP A 203 14.71 20.20 4.27
C ASP A 203 13.30 20.71 3.98
N THR A 204 12.64 20.12 2.98
CA THR A 204 11.30 20.51 2.64
C THR A 204 10.59 19.37 1.96
N ILE A 205 9.29 19.22 2.14
CA ILE A 205 8.53 18.19 1.41
C ILE A 205 8.26 18.64 -0.03
N LEU A 206 8.45 17.73 -0.95
CA LEU A 206 8.05 17.93 -2.32
C LEU A 206 6.55 17.70 -2.43
N PRO A 207 5.77 18.76 -2.63
CA PRO A 207 4.32 18.59 -2.58
C PRO A 207 3.68 17.83 -3.77
N GLU A 208 4.27 17.97 -4.95
CA GLU A 208 3.72 17.39 -6.15
C GLU A 208 4.86 16.72 -6.94
N VAL A 209 4.58 15.54 -7.51
CA VAL A 209 5.48 14.87 -8.41
C VAL A 209 4.68 14.52 -9.62
N ASP A 210 5.23 14.85 -10.80
CA ASP A 210 4.59 14.47 -12.09
C ASP A 210 5.18 13.12 -12.52
N ALA A 211 4.33 12.10 -12.48
CA ALA A 211 4.72 10.75 -12.82
C ALA A 211 5.29 10.58 -14.21
N ARG A 212 5.02 11.51 -15.10
CA ARG A 212 5.58 11.41 -16.41
C ARG A 212 7.04 11.78 -16.39
N SER A 213 7.48 12.56 -15.41
CA SER A 213 8.89 12.92 -15.35
C SER A 213 9.27 13.23 -13.90
N PRO A 214 9.45 12.18 -13.09
CA PRO A 214 9.65 12.28 -11.66
C PRO A 214 11.10 12.31 -11.26
N GLU A 215 11.99 12.75 -12.15
CA GLU A 215 13.43 12.65 -11.92
C GLU A 215 13.87 13.42 -10.66
N GLN A 216 13.19 14.52 -10.31
CA GLN A 216 13.59 15.25 -9.09
C GLN A 216 13.25 14.56 -7.77
N ALA A 217 12.18 13.80 -7.78
CA ALA A 217 11.79 12.98 -6.62
C ALA A 217 12.84 11.88 -6.39
N TYR A 218 13.27 11.22 -7.49
CA TYR A 218 14.29 10.18 -7.37
C TYR A 218 15.60 10.78 -6.94
N ALA A 219 15.94 11.99 -7.42
CA ALA A 219 17.13 12.66 -6.99
C ALA A 219 17.17 12.95 -5.47
N ALA A 220 16.01 13.07 -4.82
CA ALA A 220 15.90 13.37 -3.38
C ALA A 220 16.16 12.19 -2.43
N LEU A 221 15.94 10.98 -2.92
CA LEU A 221 16.01 9.78 -2.10
C LEU A 221 17.37 9.40 -1.52
N TRP A 222 17.34 8.87 -0.29
CA TRP A 222 18.51 8.29 0.40
C TRP A 222 18.28 6.81 0.69
N GLY A 223 19.26 6.18 1.33
CA GLY A 223 19.26 4.72 1.54
C GLY A 223 18.18 4.02 2.37
N SER A 224 18.17 2.69 2.26
CA SER A 224 17.41 1.81 3.15
C SER A 224 18.34 1.62 4.33
N SER A 225 17.74 1.43 5.50
CA SER A 225 18.47 0.98 6.69
C SER A 225 19.04 -0.45 6.49
N GLU A 226 19.74 -0.93 7.53
CA GLU A 226 20.19 -2.34 7.59
C GLU A 226 18.99 -3.31 7.72
N TRP A 227 18.02 -2.93 8.56
CA TRP A 227 16.83 -3.76 8.85
C TRP A 227 15.88 -3.92 7.64
N ASP A 228 15.90 -2.94 6.70
CA ASP A 228 14.97 -2.90 5.53
C ASP A 228 15.39 -3.73 4.31
N ALA A 229 14.57 -4.74 3.95
CA ALA A 229 14.81 -5.65 2.78
C ALA A 229 13.93 -5.39 1.51
N THR A 230 13.08 -4.38 1.50
CA THR A 230 12.22 -4.18 0.32
C THR A 230 12.35 -2.77 -0.27
N GLY A 231 13.45 -2.06 0.06
CA GLY A 231 13.82 -0.87 -0.73
C GLY A 231 13.30 0.51 -0.35
N ALA A 232 12.76 0.61 0.87
CA ALA A 232 12.19 1.81 1.46
C ALA A 232 11.46 2.78 0.52
N MET A 233 11.94 4.02 0.47
CA MET A 233 11.20 5.04 -0.24
C MET A 233 11.30 4.84 -1.76
N HIS A 234 12.39 4.28 -2.25
CA HIS A 234 12.56 4.08 -3.71
C HIS A 234 11.46 3.13 -4.24
N THR A 235 11.17 2.07 -3.51
CA THR A 235 10.11 1.12 -3.89
C THR A 235 8.75 1.79 -3.85
N LYS A 236 8.52 2.68 -2.88
CA LYS A 236 7.26 3.42 -2.82
C LYS A 236 7.10 4.30 -4.00
N LEU A 237 8.14 5.07 -4.32
CA LEU A 237 8.05 5.93 -5.44
C LEU A 237 7.81 5.12 -6.73
N ASP A 238 8.56 4.04 -6.96
CA ASP A 238 8.40 3.25 -8.15
C ASP A 238 6.95 2.76 -8.27
N ALA A 239 6.39 2.26 -7.16
CA ALA A 239 5.00 1.73 -7.24
C ALA A 239 3.99 2.83 -7.54
N LEU A 240 4.15 3.99 -6.92
CA LEU A 240 3.19 5.07 -7.05
C LEU A 240 3.34 5.78 -8.36
N VAL A 241 4.54 5.94 -8.89
CA VAL A 241 4.67 6.37 -10.27
C VAL A 241 3.96 5.47 -11.26
N THR A 242 4.16 4.17 -11.10
CA THR A 242 3.51 3.14 -11.93
C THR A 242 2.01 3.36 -11.91
N CYS A 243 1.42 3.44 -10.71
CA CYS A 243 -0.04 3.61 -10.53
C CYS A 243 -0.55 4.94 -11.14
N ALA A 244 0.15 6.06 -10.87
CA ALA A 244 -0.15 7.39 -11.42
C ALA A 244 -0.11 7.47 -12.95
N ARG A 245 0.85 6.76 -13.56
CA ARG A 245 0.92 6.70 -15.02
C ARG A 245 -0.28 5.95 -15.59
N ARG A 246 -0.96 5.11 -14.79
CA ARG A 246 -2.24 4.50 -15.16
C ARG A 246 -3.46 5.20 -14.56
N GLY A 247 -3.30 6.48 -14.19
CA GLY A 247 -4.41 7.32 -13.77
C GLY A 247 -4.68 7.51 -12.29
N ALA A 248 -4.02 6.75 -11.43
CA ALA A 248 -4.28 6.86 -10.01
C ALA A 248 -3.81 8.18 -9.46
N GLU A 249 -4.44 8.59 -8.39
CA GLU A 249 -3.97 9.74 -7.64
C GLU A 249 -3.33 9.19 -6.42
N CYS A 250 -2.03 9.41 -6.27
CA CYS A 250 -1.24 8.76 -5.23
C CYS A 250 -0.62 9.74 -4.22
N PHE A 251 -0.48 9.26 -2.98
CA PHE A 251 -0.01 10.01 -1.85
C PHE A 251 0.97 9.24 -1.00
N ILE A 252 2.08 9.92 -0.67
CA ILE A 252 2.92 9.52 0.46
C ILE A 252 2.73 10.54 1.52
N MET A 253 2.33 10.08 2.69
CA MET A 253 2.12 10.95 3.82
C MET A 253 2.36 10.24 5.16
N ARG A 254 2.39 11.01 6.24
CA ARG A 254 2.71 10.47 7.53
C ARG A 254 1.47 9.77 8.15
N GLY A 255 1.70 8.56 8.66
CA GLY A 255 0.69 7.90 9.46
C GLY A 255 0.79 8.24 10.93
N ASP A 256 -0.36 8.28 11.59
CA ASP A 256 -0.46 8.46 13.01
C ASP A 256 -1.71 7.76 13.51
N PRO A 257 -1.56 6.87 14.49
CA PRO A 257 -2.66 5.95 14.83
C PRO A 257 -4.02 6.60 15.23
N GLY A 258 -3.95 7.72 15.89
CA GLY A 258 -5.15 8.38 16.26
C GLY A 258 -5.60 9.46 15.29
N SER A 259 -4.88 9.67 14.17
CA SER A 259 -5.24 10.79 13.27
C SER A 259 -6.50 10.48 12.51
N ASP A 260 -7.41 11.45 12.45
CA ASP A 260 -8.67 11.23 11.71
C ASP A 260 -8.34 11.19 10.22
N LEU A 261 -8.98 10.30 9.48
CA LEU A 261 -8.64 10.12 8.08
C LEU A 261 -9.80 10.38 7.16
N GLU A 262 -10.85 11.04 7.64
CA GLU A 262 -12.08 11.07 6.84
C GLU A 262 -11.83 11.94 5.61
N PHE A 263 -10.80 12.80 5.68
CA PHE A 263 -10.50 13.67 4.54
C PHE A 263 -10.05 12.84 3.34
N LEU A 264 -9.62 11.60 3.56
CA LEU A 264 -9.22 10.71 2.42
C LEU A 264 -10.40 10.28 1.54
N THR A 265 -11.61 10.60 1.94
CA THR A 265 -12.80 10.39 1.08
C THR A 265 -13.08 11.56 0.13
N ALA A 266 -12.34 12.66 0.37
CA ALA A 266 -12.74 13.95 -0.13
C ALA A 266 -11.89 14.37 -1.30
N PRO A 267 -12.44 15.23 -2.18
CA PRO A 267 -11.56 15.66 -3.27
C PRO A 267 -10.36 16.42 -2.70
N PHE A 268 -9.21 16.30 -3.37
CA PHE A 268 -7.94 16.83 -2.88
C PHE A 268 -7.99 18.31 -2.62
N SER A 269 -8.63 19.04 -3.52
CA SER A 269 -8.69 20.48 -3.32
C SER A 269 -9.47 20.86 -2.06
N SER A 270 -10.27 19.96 -1.50
CA SER A 270 -11.04 20.21 -0.25
C SER A 270 -10.38 19.73 1.04
N TRP A 271 -9.16 19.25 0.96
CA TRP A 271 -8.46 18.77 2.13
C TRP A 271 -8.11 19.91 3.07
N PRO A 272 -8.06 19.61 4.38
CA PRO A 272 -7.61 20.58 5.37
C PRO A 272 -6.22 21.09 5.13
N ALA A 273 -5.95 22.30 5.60
CA ALA A 273 -4.75 23.03 5.18
C ALA A 273 -3.54 22.47 5.92
N HIS A 274 -3.80 21.83 7.06
CA HIS A 274 -2.71 21.26 7.87
C HIS A 274 -2.12 19.97 7.30
N VAL A 275 -2.79 19.38 6.29
CA VAL A 275 -2.36 18.07 5.77
C VAL A 275 -1.19 18.24 4.84
N ARG A 276 -0.11 17.55 5.14
CA ARG A 276 1.09 17.54 4.32
C ARG A 276 1.28 16.19 3.65
N SER A 277 1.65 16.24 2.38
CA SER A 277 1.88 15.00 1.63
C SER A 277 2.70 15.26 0.40
N THR A 278 3.18 14.17 -0.19
CA THR A 278 3.63 14.20 -1.58
C THR A 278 2.58 13.55 -2.44
N ARG A 279 2.08 14.32 -3.40
CA ARG A 279 1.09 13.83 -4.32
C ARG A 279 1.69 13.52 -5.69
N ILE A 280 1.46 12.31 -6.16
CA ILE A 280 2.01 11.80 -7.40
C ILE A 280 0.84 11.55 -8.35
N THR A 281 0.88 12.24 -9.48
CA THR A 281 -0.13 12.18 -10.48
C THR A 281 0.47 12.48 -11.85
N THR A 282 -0.34 12.27 -12.88
CA THR A 282 -0.01 12.49 -14.26
C THR A 282 -0.92 13.63 -14.67
#